data_6SUB
#
_entry.id   6SUB
#
_cell.length_a   61.821
_cell.length_b   107.887
_cell.length_c   88.328
_cell.angle_alpha   90.000
_cell.angle_beta   90.000
_cell.angle_gamma   90.000
#
_symmetry.space_group_name_H-M   'C 2 2 21'
#
loop_
_entity.id
_entity.type
_entity.pdbx_description
1 polymer 'Receptor-type tyrosine-protein phosphatase U'
2 non-polymer 'CHLORIDE ION'
3 water water
#
_entity_poly.entity_id   1
_entity_poly.type   'polypeptide(L)'
_entity_poly.pdbx_seq_one_letter_code
;MGSSHHHHHHTGGTHPAVRVADLLQHINQMKTAEGYGFKQEYESFFEGWDATKKKDKVKGSRQEPMPAYDRHRVKLHPML
GDPSADYINANYIDGYHRSNHFIATQGPKPEMVYDFWRMVWQEHCSSIVMITKLVEVGRVKCSRYWPEDSDTYGDIKIML
VKTETLAEYVVRTFALERRGYSARHEVRQFHFTAWPEHGVPYHATGLLAFIRRVKASTPPDAGPIVIHCSAGTGRTGCYI
VLDVMLDMAECEGVVDIYNCVKTLCSRRVNMIQTEEQYIFIHDAILEACLCGETTIP
;
_entity_poly.pdbx_strand_id   A
#
loop_
_chem_comp.id
_chem_comp.type
_chem_comp.name
_chem_comp.formula
CL non-polymer 'CHLORIDE ION' 'Cl -1'
#
# COMPACT_ATOMS: atom_id res chain seq x y z
N PRO A 16 -8.51 -1.86 -23.32
CA PRO A 16 -7.74 -0.87 -24.10
C PRO A 16 -7.46 0.37 -23.24
N ALA A 17 -6.24 0.89 -23.28
CA ALA A 17 -5.87 2.05 -22.46
C ALA A 17 -6.59 3.31 -22.92
N VAL A 18 -6.70 4.26 -22.00
CA VAL A 18 -7.39 5.53 -22.23
C VAL A 18 -6.31 6.59 -22.28
N ARG A 19 -6.28 7.36 -23.38
CA ARG A 19 -5.40 8.51 -23.42
C ARG A 19 -5.72 9.48 -22.28
N VAL A 20 -4.67 10.05 -21.69
CA VAL A 20 -4.89 11.09 -20.68
C VAL A 20 -5.77 12.20 -21.23
N ALA A 21 -5.58 12.59 -22.50
CA ALA A 21 -6.42 13.60 -23.13
C ALA A 21 -7.91 13.23 -23.21
N ASP A 22 -8.26 11.94 -23.15
CA ASP A 22 -9.64 11.46 -23.24
C ASP A 22 -10.21 11.05 -21.89
N LEU A 23 -9.45 11.17 -20.81
CA LEU A 23 -9.87 10.61 -19.53
C LEU A 23 -11.13 11.25 -18.98
N LEU A 24 -11.29 12.58 -19.11
CA LEU A 24 -12.53 13.19 -18.64
C LEU A 24 -13.73 12.70 -19.46
N GLN A 25 -13.59 12.66 -20.79
CA GLN A 25 -14.63 12.07 -21.64
C GLN A 25 -14.95 10.65 -21.19
N HIS A 26 -13.92 9.82 -21.01
CA HIS A 26 -14.12 8.45 -20.52
C HIS A 26 -14.93 8.42 -19.23
N ILE A 27 -14.51 9.18 -18.22
CA ILE A 27 -15.24 9.23 -16.94
C ILE A 27 -16.70 9.65 -17.16
N ASN A 28 -16.92 10.69 -17.95
CA ASN A 28 -18.31 11.13 -18.15
C ASN A 28 -19.16 10.07 -18.85
N GLN A 29 -18.59 9.38 -19.83
CA GLN A 29 -19.29 8.27 -20.48
C GLN A 29 -19.59 7.15 -19.49
N MET A 30 -18.63 6.82 -18.63
CA MET A 30 -18.85 5.80 -17.60
C MET A 30 -19.89 6.25 -16.55
N LYS A 31 -20.11 7.55 -16.42
CA LYS A 31 -21.16 8.07 -15.54
C LYS A 31 -22.56 8.14 -16.16
N THR A 32 -22.71 8.12 -17.49
CA THR A 32 -24.05 8.14 -18.11
C THR A 32 -24.87 6.90 -17.72
N ALA A 33 -26.20 7.04 -17.88
CA ALA A 33 -27.17 6.00 -17.51
C ALA A 33 -27.01 5.61 -16.03
N GLU A 34 -26.99 6.64 -15.18
CA GLU A 34 -26.82 6.48 -13.73
C GLU A 34 -25.57 5.69 -13.36
N GLY A 35 -24.46 5.98 -14.02
CA GLY A 35 -23.18 5.38 -13.69
C GLY A 35 -23.03 3.92 -14.09
N TYR A 36 -23.78 3.47 -15.10
CA TYR A 36 -23.76 2.06 -15.48
C TYR A 36 -22.38 1.56 -15.84
N GLY A 37 -21.60 2.36 -16.57
CA GLY A 37 -20.30 1.91 -17.04
C GLY A 37 -19.36 1.55 -15.90
N PHE A 38 -19.31 2.40 -14.88
CA PHE A 38 -18.49 2.07 -13.70
C PHE A 38 -19.02 0.85 -12.96
N LYS A 39 -20.33 0.78 -12.79
CA LYS A 39 -20.96 -0.36 -12.12
C LYS A 39 -20.63 -1.66 -12.83
N GLN A 40 -20.89 -1.69 -14.14
CA GLN A 40 -20.64 -2.90 -14.91
C GLN A 40 -19.16 -3.27 -14.88
N GLU A 41 -18.28 -2.29 -15.06
CA GLU A 41 -16.87 -2.61 -15.09
C GLU A 41 -16.38 -3.12 -13.72
N TYR A 42 -16.79 -2.45 -12.65
CA TYR A 42 -16.43 -2.90 -11.30
C TYR A 42 -16.96 -4.31 -11.02
N GLU A 43 -18.23 -4.56 -11.32
CA GLU A 43 -18.77 -5.89 -11.07
C GLU A 43 -18.12 -6.96 -11.93
N SER A 44 -17.59 -6.60 -13.09
CA SER A 44 -16.90 -7.57 -13.95
C SER A 44 -15.66 -8.19 -13.31
N PHE A 45 -15.04 -7.52 -12.33
CA PHE A 45 -13.87 -8.12 -11.69
C PHE A 45 -14.22 -9.40 -10.93
N PHE A 46 -15.49 -9.57 -10.54
CA PHE A 46 -15.91 -10.69 -9.70
C PHE A 46 -16.47 -11.76 -10.62
N GLU A 47 -15.66 -12.79 -10.91
CA GLU A 47 -16.12 -14.04 -11.53
C GLU A 47 -16.99 -13.77 -12.76
N ASP A 70 0.90 -20.33 -3.27
CA ASP A 70 0.72 -18.99 -3.83
C ASP A 70 2.03 -18.51 -4.48
N ARG A 71 1.97 -18.33 -5.80
CA ARG A 71 3.16 -18.10 -6.61
C ARG A 71 3.90 -16.83 -6.23
N HIS A 72 3.19 -15.80 -5.79
CA HIS A 72 3.79 -14.50 -5.52
C HIS A 72 4.00 -14.25 -4.03
N ARG A 73 3.85 -15.26 -3.19
CA ARG A 73 4.07 -15.09 -1.77
C ARG A 73 5.51 -14.71 -1.46
N VAL A 74 5.69 -13.78 -0.54
CA VAL A 74 7.04 -13.46 -0.08
C VAL A 74 7.58 -14.62 0.73
N LYS A 75 8.78 -15.09 0.38
CA LYS A 75 9.35 -16.22 1.10
C LYS A 75 10.24 -15.72 2.23
N LEU A 76 10.08 -16.34 3.40
CA LEU A 76 10.96 -16.19 4.56
C LEU A 76 11.44 -17.59 4.91
N HIS A 77 12.72 -17.75 5.19
CA HIS A 77 13.19 -19.02 5.71
C HIS A 77 12.61 -19.23 7.11
N PRO A 78 12.01 -20.38 7.40
CA PRO A 78 11.49 -20.64 8.76
C PRO A 78 12.60 -20.70 9.81
N MET A 79 12.26 -20.30 11.03
CA MET A 79 13.26 -20.28 12.08
C MET A 79 12.90 -21.29 13.17
N LEU A 80 13.91 -21.69 13.93
CA LEU A 80 13.67 -22.58 15.07
C LEU A 80 12.63 -21.97 15.99
N GLY A 81 11.62 -22.77 16.32
CA GLY A 81 10.35 -22.29 16.84
C GLY A 81 9.37 -23.41 17.09
N ASP A 82 8.10 -23.28 16.56
CA ASP A 82 7.21 -24.44 16.53
C ASP A 82 7.19 -24.98 15.11
N PRO A 83 7.41 -26.29 14.92
CA PRO A 83 7.28 -26.86 13.58
C PRO A 83 5.91 -26.61 12.94
N SER A 84 4.87 -26.43 13.74
CA SER A 84 3.52 -26.17 13.26
C SER A 84 3.25 -24.67 13.00
N ALA A 85 4.18 -23.77 13.31
CA ALA A 85 3.92 -22.33 13.19
C ALA A 85 3.69 -21.92 11.74
N ASP A 86 2.68 -21.06 11.55
CA ASP A 86 2.40 -20.39 10.29
C ASP A 86 3.39 -19.26 10.06
N TYR A 87 3.42 -18.77 8.81
CA TYR A 87 4.29 -17.65 8.43
C TYR A 87 3.42 -16.51 7.93
N ILE A 88 3.94 -15.29 8.08
CA ILE A 88 3.22 -14.09 7.64
C ILE A 88 2.79 -14.23 6.18
N ASN A 89 1.55 -13.81 5.89
CA ASN A 89 1.02 -13.78 4.53
C ASN A 89 1.26 -12.41 3.90
N ALA A 90 2.14 -12.39 2.90
CA ALA A 90 2.45 -11.19 2.15
C ALA A 90 2.76 -11.58 0.71
N ASN A 91 2.38 -10.70 -0.22
CA ASN A 91 2.51 -10.97 -1.64
C ASN A 91 3.20 -9.82 -2.35
N TYR A 92 4.07 -10.18 -3.26
CA TYR A 92 4.62 -9.22 -4.19
C TYR A 92 3.57 -8.73 -5.18
N ILE A 93 3.62 -7.44 -5.47
CA ILE A 93 2.83 -6.79 -6.51
C ILE A 93 3.74 -5.99 -7.39
N ASP A 94 3.62 -6.14 -8.72
CA ASP A 94 4.44 -5.36 -9.64
C ASP A 94 4.06 -3.89 -9.67
N GLY A 95 5.08 -3.04 -9.89
CA GLY A 95 4.90 -1.63 -10.15
C GLY A 95 4.98 -1.34 -11.64
N TYR A 96 4.89 -0.04 -11.98
CA TYR A 96 5.02 0.34 -13.39
C TYR A 96 6.44 0.14 -13.89
N HIS A 97 7.44 0.51 -13.10
CA HIS A 97 8.82 0.46 -13.53
C HIS A 97 9.55 -0.83 -13.15
N ARG A 98 9.12 -1.55 -12.13
CA ARG A 98 9.83 -2.76 -11.75
C ARG A 98 8.84 -3.78 -11.19
N SER A 99 9.20 -5.05 -11.36
CA SER A 99 8.57 -6.17 -10.67
C SER A 99 8.75 -6.04 -9.15
N ASN A 100 7.83 -6.68 -8.41
CA ASN A 100 7.94 -6.76 -6.96
C ASN A 100 8.20 -5.40 -6.34
N HIS A 101 7.47 -4.39 -6.84
CA HIS A 101 7.62 -3.03 -6.35
C HIS A 101 6.99 -2.86 -4.98
N PHE A 102 5.89 -3.57 -4.71
CA PHE A 102 5.22 -3.60 -3.41
C PHE A 102 5.25 -5.00 -2.82
N ILE A 103 5.25 -5.06 -1.49
CA ILE A 103 4.76 -6.22 -0.74
C ILE A 103 3.48 -5.79 -0.06
N ALA A 104 2.38 -6.41 -0.44
CA ALA A 104 1.09 -6.17 0.21
C ALA A 104 0.87 -7.17 1.33
N THR A 105 0.55 -6.67 2.53
CA THR A 105 0.28 -7.55 3.66
C THR A 105 -0.80 -6.95 4.54
N GLN A 106 -1.31 -7.72 5.49
CA GLN A 106 -2.15 -7.12 6.53
C GLN A 106 -1.31 -6.45 7.63
N GLY A 107 -1.93 -5.52 8.36
CA GLY A 107 -1.31 -5.09 9.59
C GLY A 107 -1.05 -6.29 10.48
N PRO A 108 0.22 -6.49 10.89
CA PRO A 108 0.58 -7.74 11.56
C PRO A 108 -0.12 -7.92 12.88
N LYS A 109 -0.72 -9.09 13.07
CA LYS A 109 -1.13 -9.48 14.40
C LYS A 109 0.09 -9.58 15.31
N PRO A 110 -0.11 -9.45 16.62
CA PRO A 110 1.03 -9.49 17.55
C PRO A 110 1.92 -10.71 17.36
N GLU A 111 1.34 -11.87 17.04
CA GLU A 111 2.17 -13.06 16.85
C GLU A 111 2.98 -13.01 15.55
N MET A 112 2.65 -12.12 14.64
CA MET A 112 3.36 -11.95 13.38
C MET A 112 4.28 -10.73 13.35
N VAL A 113 4.35 -9.93 14.42
CA VAL A 113 5.19 -8.72 14.39
C VAL A 113 6.66 -9.03 14.12
N TYR A 114 7.22 -10.07 14.75
CA TYR A 114 8.61 -10.41 14.44
C TYR A 114 8.81 -10.76 12.97
N ASP A 115 7.96 -11.66 12.42
CA ASP A 115 8.11 -12.00 10.99
C ASP A 115 7.96 -10.80 10.07
N PHE A 116 7.06 -9.88 10.42
CA PHE A 116 6.94 -8.63 9.67
C PHE A 116 8.26 -7.87 9.62
N TRP A 117 8.87 -7.60 10.78
CA TRP A 117 10.15 -6.87 10.75
C TRP A 117 11.27 -7.68 10.14
N ARG A 118 11.24 -9.00 10.33
CA ARG A 118 12.19 -9.87 9.67
C ARG A 118 12.07 -9.79 8.15
N MET A 119 10.85 -9.70 7.62
CA MET A 119 10.66 -9.50 6.19
C MET A 119 11.20 -8.13 5.74
N VAL A 120 10.88 -7.08 6.50
CA VAL A 120 11.44 -5.74 6.20
C VAL A 120 12.96 -5.81 6.11
N TRP A 121 13.57 -6.49 7.07
CA TRP A 121 15.03 -6.67 7.06
C TRP A 121 15.53 -7.47 5.86
N GLN A 122 15.00 -8.68 5.67
CA GLN A 122 15.43 -9.55 4.57
C GLN A 122 15.31 -8.83 3.23
N GLU A 123 14.21 -8.14 3.02
CA GLU A 123 13.92 -7.48 1.74
C GLU A 123 14.63 -6.14 1.58
N HIS A 124 15.34 -5.67 2.62
CA HIS A 124 15.96 -4.34 2.63
C HIS A 124 14.92 -3.27 2.33
N CYS A 125 13.72 -3.46 2.87
CA CYS A 125 12.65 -2.50 2.69
CA CYS A 125 12.65 -2.50 2.69
C CYS A 125 12.99 -1.20 3.42
N SER A 126 12.97 -0.07 2.70
CA SER A 126 13.17 1.17 3.45
C SER A 126 11.93 2.05 3.52
N SER A 127 10.82 1.65 2.90
CA SER A 127 9.56 2.38 3.01
C SER A 127 8.41 1.44 3.35
N ILE A 128 7.70 1.74 4.43
CA ILE A 128 6.43 1.10 4.79
C ILE A 128 5.34 2.11 4.57
N VAL A 129 4.21 1.69 3.95
CA VAL A 129 3.00 2.53 3.83
C VAL A 129 1.88 1.90 4.63
N MET A 130 1.32 2.67 5.56
CA MET A 130 0.18 2.24 6.39
C MET A 130 -0.99 3.17 6.11
N ILE A 131 -2.11 2.63 5.67
CA ILE A 131 -3.25 3.48 5.31
C ILE A 131 -4.44 3.19 6.20
N THR A 132 -4.24 3.29 7.52
CA THR A 132 -5.32 3.18 8.47
C THR A 132 -4.88 3.89 9.75
N LYS A 133 -5.84 4.46 10.49
CA LYS A 133 -5.53 4.68 11.89
C LYS A 133 -5.53 3.36 12.65
N LEU A 134 -4.89 3.36 13.82
CA LEU A 134 -4.98 2.21 14.71
C LEU A 134 -6.41 1.98 15.15
N VAL A 135 -7.12 3.07 15.47
CA VAL A 135 -8.50 3.04 15.90
C VAL A 135 -9.33 3.94 14.98
N GLU A 136 -10.40 3.40 14.41
CA GLU A 136 -11.32 4.18 13.60
C GLU A 136 -12.74 3.99 14.09
N VAL A 137 -13.41 5.13 14.33
CA VAL A 137 -14.75 5.17 14.92
C VAL A 137 -14.79 4.25 16.13
N GLY A 138 -13.76 4.34 16.97
CA GLY A 138 -13.70 3.57 18.21
C GLY A 138 -13.46 2.08 18.11
N ARG A 139 -13.16 1.57 16.92
CA ARG A 139 -12.87 0.17 16.64
C ARG A 139 -11.39 0.00 16.36
N VAL A 140 -10.75 -0.98 17.00
CA VAL A 140 -9.35 -1.28 16.70
C VAL A 140 -9.22 -1.83 15.28
N LYS A 141 -8.50 -1.11 14.43
CA LYS A 141 -8.28 -1.54 13.07
C LYS A 141 -6.89 -2.15 12.87
N CYS A 142 -5.92 -1.73 13.67
CA CYS A 142 -4.58 -2.27 13.60
C CYS A 142 -3.93 -2.14 14.98
N SER A 143 -3.16 -3.15 15.38
CA SER A 143 -2.39 -3.07 16.62
C SER A 143 -1.04 -2.47 16.34
N ARG A 144 -0.57 -1.63 17.25
CA ARG A 144 0.71 -0.96 17.05
C ARG A 144 1.85 -1.98 17.05
N TYR A 145 2.57 -2.06 15.94
CA TYR A 145 3.63 -3.04 15.74
C TYR A 145 5.03 -2.45 15.82
N TRP A 146 5.15 -1.17 16.18
CA TRP A 146 6.40 -0.43 16.26
C TRP A 146 6.58 0.20 17.64
N PRO A 147 7.81 0.41 18.07
CA PRO A 147 8.06 0.96 19.42
C PRO A 147 7.80 2.46 19.51
N GLU A 148 7.38 2.88 20.69
CA GLU A 148 7.31 4.30 21.00
C GLU A 148 8.70 4.87 21.24
N ASP A 149 9.63 4.02 21.66
CA ASP A 149 11.00 4.42 21.90
C ASP A 149 11.93 3.36 21.33
N SER A 150 12.06 2.23 22.01
CA SER A 150 12.77 1.10 21.43
C SER A 150 12.20 -0.17 22.01
N ASP A 151 12.32 -1.24 21.24
CA ASP A 151 11.93 -2.55 21.74
C ASP A 151 12.67 -3.60 20.90
N THR A 152 12.69 -4.82 21.41
CA THR A 152 13.30 -5.95 20.71
C THR A 152 12.23 -6.97 20.36
N TYR A 153 12.15 -7.31 19.09
CA TYR A 153 11.28 -8.37 18.60
C TYR A 153 12.14 -9.50 18.07
N GLY A 154 12.05 -10.65 18.69
CA GLY A 154 12.96 -11.74 18.38
C GLY A 154 14.40 -11.29 18.50
N ASP A 155 15.16 -11.38 17.41
CA ASP A 155 16.56 -10.96 17.40
C ASP A 155 16.76 -9.57 16.79
N ILE A 156 15.69 -8.81 16.56
CA ILE A 156 15.76 -7.47 15.97
C ILE A 156 15.41 -6.41 17.00
N LYS A 157 16.32 -5.46 17.19
CA LYS A 157 16.06 -4.29 18.04
C LYS A 157 15.64 -3.14 17.12
N ILE A 158 14.53 -2.48 17.47
CA ILE A 158 14.00 -1.38 16.69
C ILE A 158 13.94 -0.14 17.55
N MET A 159 14.48 0.96 17.03
CA MET A 159 14.45 2.25 17.69
C MET A 159 13.72 3.26 16.82
N LEU A 160 12.80 4.00 17.43
CA LEU A 160 12.20 5.16 16.78
C LEU A 160 13.12 6.37 16.90
N VAL A 161 13.66 6.81 15.76
CA VAL A 161 14.62 7.88 15.75
C VAL A 161 14.04 9.23 15.37
N LYS A 162 12.90 9.26 14.67
CA LYS A 162 12.29 10.54 14.33
C LYS A 162 10.80 10.33 14.11
N THR A 163 9.98 11.30 14.49
CA THR A 163 8.58 11.40 14.07
C THR A 163 8.33 12.76 13.44
N GLU A 164 7.79 12.77 12.24
CA GLU A 164 7.31 13.98 11.57
C GLU A 164 5.79 13.89 11.43
N THR A 165 5.06 14.78 12.10
CA THR A 165 3.60 14.69 12.12
C THR A 165 3.01 15.83 11.32
N LEU A 166 2.26 15.46 10.28
CA LEU A 166 1.53 16.39 9.42
C LEU A 166 0.02 16.22 9.60
N ALA A 167 -0.75 17.11 8.93
CA ALA A 167 -2.19 17.12 9.09
C ALA A 167 -2.82 15.79 8.68
N GLU A 168 -2.35 15.18 7.60
CA GLU A 168 -2.99 13.98 7.07
C GLU A 168 -2.15 12.71 7.16
N TYR A 169 -0.88 12.82 7.53
CA TYR A 169 -0.03 11.65 7.68
C TYR A 169 1.13 11.93 8.62
N VAL A 170 1.74 10.84 9.07
CA VAL A 170 2.93 10.84 9.89
C VAL A 170 4.06 10.12 9.17
N VAL A 171 5.28 10.62 9.31
CA VAL A 171 6.46 9.88 8.89
C VAL A 171 7.26 9.48 10.13
N ARG A 172 7.38 8.17 10.37
CA ARG A 172 8.23 7.65 11.44
C ARG A 172 9.49 7.03 10.86
N THR A 173 10.65 7.40 11.39
CA THR A 173 11.92 6.81 10.97
C THR A 173 12.39 5.85 12.06
N PHE A 174 12.71 4.62 11.65
CA PHE A 174 13.20 3.59 12.55
C PHE A 174 14.60 3.17 12.16
N ALA A 175 15.36 2.78 13.17
CA ALA A 175 16.62 2.07 12.97
C ALA A 175 16.49 0.65 13.49
N LEU A 176 16.83 -0.32 12.65
CA LEU A 176 16.82 -1.73 13.03
C LEU A 176 18.25 -2.22 13.25
N GLU A 177 18.45 -2.96 14.36
CA GLU A 177 19.67 -3.71 14.59
C GLU A 177 19.30 -5.18 14.72
N ARG A 178 20.13 -6.05 14.19
CA ARG A 178 19.86 -7.48 14.28
C ARG A 178 21.07 -8.18 14.83
N ARG A 179 20.84 -9.13 15.75
CA ARG A 179 21.92 -9.90 16.33
C ARG A 179 22.74 -10.62 15.28
N GLY A 180 24.05 -10.39 15.31
CA GLY A 180 25.02 -10.95 14.39
C GLY A 180 25.39 -10.06 13.23
N TYR A 181 24.70 -8.92 13.09
CA TYR A 181 24.87 -7.96 12.01
C TYR A 181 25.42 -6.66 12.58
N SER A 182 26.34 -6.05 11.83
CA SER A 182 27.19 -4.97 12.31
C SER A 182 26.64 -3.57 12.11
N ALA A 183 25.57 -3.38 11.32
CA ALA A 183 25.14 -2.05 10.95
C ALA A 183 23.62 -1.91 11.04
N ARG A 184 23.17 -0.68 11.25
CA ARG A 184 21.74 -0.38 11.30
C ARG A 184 21.11 -0.45 9.92
N HIS A 185 19.85 -0.87 9.90
CA HIS A 185 19.01 -0.73 8.73
C HIS A 185 17.93 0.31 8.97
N GLU A 186 17.81 1.28 8.07
CA GLU A 186 16.87 2.40 8.28
C GLU A 186 15.59 2.20 7.47
N VAL A 187 14.44 2.43 8.12
CA VAL A 187 13.10 2.25 7.53
C VAL A 187 12.27 3.47 7.86
N ARG A 188 11.60 4.05 6.87
CA ARG A 188 10.60 5.09 7.06
C ARG A 188 9.21 4.47 6.91
N GLN A 189 8.33 4.78 7.86
CA GLN A 189 6.92 4.41 7.79
C GLN A 189 6.12 5.66 7.44
N PHE A 190 5.36 5.59 6.35
CA PHE A 190 4.48 6.68 5.90
C PHE A 190 3.07 6.26 6.26
N HIS A 191 2.52 6.89 7.30
CA HIS A 191 1.28 6.46 7.93
C HIS A 191 0.20 7.49 7.59
N PHE A 192 -0.65 7.17 6.60
CA PHE A 192 -1.75 8.04 6.22
C PHE A 192 -2.89 7.91 7.21
N THR A 193 -3.28 9.03 7.82
CA THR A 193 -4.28 9.03 8.88
C THR A 193 -5.64 9.60 8.44
N ALA A 194 -5.75 10.16 7.23
CA ALA A 194 -6.92 10.94 6.84
C ALA A 194 -7.97 10.16 6.03
N TRP A 195 -7.80 8.86 5.77
CA TRP A 195 -8.81 8.17 4.98
C TRP A 195 -10.11 8.06 5.79
N PRO A 196 -11.25 8.48 5.26
CA PRO A 196 -12.51 8.38 6.02
C PRO A 196 -12.87 6.93 6.35
N GLU A 197 -13.41 6.71 7.56
CA GLU A 197 -13.84 5.35 7.93
C GLU A 197 -14.96 4.83 7.03
N HIS A 198 -15.81 5.71 6.54
CA HIS A 198 -17.01 5.31 5.83
C HIS A 198 -16.87 5.12 4.31
N GLY A 199 -15.81 5.62 3.68
CA GLY A 199 -15.84 5.78 2.24
C GLY A 199 -14.54 6.39 1.75
N VAL A 200 -14.56 6.82 0.50
CA VAL A 200 -13.37 7.44 -0.10
C VAL A 200 -13.17 8.84 0.43
N PRO A 201 -11.94 9.36 0.38
CA PRO A 201 -11.74 10.80 0.55
C PRO A 201 -12.60 11.64 -0.37
N TYR A 202 -13.05 12.80 0.15
CA TYR A 202 -13.89 13.70 -0.62
C TYR A 202 -13.11 14.35 -1.76
N HIS A 203 -11.88 14.76 -1.49
CA HIS A 203 -10.93 15.20 -2.50
C HIS A 203 -9.73 14.26 -2.51
N ALA A 204 -9.19 14.03 -3.68
CA ALA A 204 -7.99 13.22 -3.80
C ALA A 204 -6.72 13.98 -3.44
N THR A 205 -6.78 15.31 -3.25
CA THR A 205 -5.56 16.12 -3.19
C THR A 205 -4.59 15.67 -2.09
N GLY A 206 -5.12 15.36 -0.91
CA GLY A 206 -4.25 14.95 0.20
C GLY A 206 -3.58 13.60 -0.04
N LEU A 207 -4.35 12.61 -0.49
CA LEU A 207 -3.76 11.32 -0.83
C LEU A 207 -2.73 11.43 -1.94
N LEU A 208 -3.01 12.21 -2.99
CA LEU A 208 -2.03 12.35 -4.05
C LEU A 208 -0.73 12.98 -3.53
N ALA A 209 -0.82 13.99 -2.65
CA ALA A 209 0.38 14.54 -2.03
C ALA A 209 1.13 13.49 -1.21
N PHE A 210 0.39 12.65 -0.49
CA PHE A 210 1.01 11.54 0.24
C PHE A 210 1.73 10.58 -0.69
N ILE A 211 1.05 10.12 -1.75
CA ILE A 211 1.71 9.24 -2.73
C ILE A 211 2.96 9.91 -3.31
N ARG A 212 2.86 11.18 -3.69
CA ARG A 212 4.03 11.91 -4.20
C ARG A 212 5.17 11.91 -3.18
N ARG A 213 4.86 12.10 -1.90
CA ARG A 213 5.88 12.06 -0.86
C ARG A 213 6.59 10.70 -0.78
N VAL A 214 5.81 9.61 -0.78
CA VAL A 214 6.39 8.27 -0.73
C VAL A 214 7.26 7.97 -1.95
N LYS A 215 6.78 8.33 -3.15
CA LYS A 215 7.59 8.18 -4.34
C LYS A 215 8.92 8.95 -4.24
N ALA A 216 8.87 10.22 -3.83
CA ALA A 216 10.08 11.04 -3.72
C ALA A 216 11.04 10.54 -2.64
N SER A 217 10.53 9.83 -1.63
CA SER A 217 11.32 9.30 -0.52
C SER A 217 11.81 7.88 -0.74
N THR A 218 11.42 7.23 -1.81
CA THR A 218 11.80 5.83 -2.00
C THR A 218 12.73 5.71 -3.20
N PRO A 219 14.02 5.53 -2.98
CA PRO A 219 14.97 5.45 -4.10
C PRO A 219 14.62 4.31 -5.03
N PRO A 220 15.01 4.42 -6.30
CA PRO A 220 15.09 3.22 -7.16
C PRO A 220 16.04 2.14 -6.61
N ASP A 221 17.06 2.54 -5.82
CA ASP A 221 17.90 1.63 -5.03
C ASP A 221 17.11 0.76 -4.03
N ALA A 222 15.95 1.21 -3.56
CA ALA A 222 15.26 0.57 -2.45
C ALA A 222 14.76 -0.86 -2.76
N GLY A 223 14.53 -1.60 -1.69
CA GLY A 223 13.72 -2.78 -1.72
C GLY A 223 12.26 -2.48 -2.04
N PRO A 224 11.41 -3.49 -1.97
CA PRO A 224 9.96 -3.30 -2.11
C PRO A 224 9.39 -2.36 -1.06
N ILE A 225 8.31 -1.67 -1.41
CA ILE A 225 7.51 -0.91 -0.46
C ILE A 225 6.52 -1.84 0.22
N VAL A 226 6.65 -2.02 1.54
CA VAL A 226 5.69 -2.82 2.30
C VAL A 226 4.47 -1.96 2.59
N ILE A 227 3.30 -2.42 2.16
CA ILE A 227 2.08 -1.65 2.28
C ILE A 227 1.00 -2.48 2.95
N HIS A 228 0.30 -1.86 3.90
CA HIS A 228 -0.84 -2.51 4.51
C HIS A 228 -1.88 -1.48 4.91
N CYS A 229 -3.11 -1.94 5.08
CA CYS A 229 -4.14 -1.13 5.73
C CYS A 229 -4.74 -1.93 6.86
N SER A 230 -6.04 -2.18 6.74
CA SER A 230 -6.72 -3.11 7.60
C SER A 230 -7.47 -4.10 6.71
N ALA A 231 -7.77 -5.26 7.26
CA ALA A 231 -8.47 -6.28 6.48
C ALA A 231 -9.71 -5.73 5.81
N GLY A 232 -9.81 -5.93 4.50
CA GLY A 232 -11.03 -5.66 3.75
C GLY A 232 -11.42 -4.22 3.56
N THR A 233 -10.49 -3.28 3.67
CA THR A 233 -10.83 -1.90 3.41
C THR A 233 -10.63 -1.50 1.94
N GLY A 234 -9.78 -2.22 1.19
CA GLY A 234 -9.44 -1.89 -0.19
C GLY A 234 -8.50 -0.69 -0.35
N ARG A 235 -8.07 -0.07 0.73
CA ARG A 235 -7.24 1.13 0.60
C ARG A 235 -5.86 0.81 0.00
N THR A 236 -5.29 -0.33 0.39
CA THR A 236 -4.01 -0.74 -0.18
C THR A 236 -4.12 -0.90 -1.70
N GLY A 237 -5.18 -1.53 -2.18
CA GLY A 237 -5.37 -1.66 -3.63
C GLY A 237 -5.50 -0.32 -4.32
N CYS A 238 -6.28 0.60 -3.74
CA CYS A 238 -6.37 1.95 -4.29
C CYS A 238 -5.01 2.60 -4.39
N TYR A 239 -4.23 2.53 -3.31
CA TYR A 239 -2.91 3.15 -3.32
C TYR A 239 -2.05 2.56 -4.44
N ILE A 240 -1.99 1.24 -4.52
CA ILE A 240 -1.15 0.58 -5.51
C ILE A 240 -1.56 0.98 -6.93
N VAL A 241 -2.86 0.93 -7.22
CA VAL A 241 -3.30 1.33 -8.57
C VAL A 241 -2.93 2.79 -8.86
N LEU A 242 -3.13 3.70 -7.90
CA LEU A 242 -2.73 5.10 -8.14
C LEU A 242 -1.23 5.24 -8.35
N ASP A 243 -0.44 4.54 -7.54
CA ASP A 243 1.03 4.60 -7.74
C ASP A 243 1.42 4.21 -9.16
N VAL A 244 0.85 3.11 -9.64
CA VAL A 244 1.22 2.59 -10.95
C VAL A 244 0.68 3.49 -12.08
N MET A 245 -0.60 3.89 -11.97
CA MET A 245 -1.19 4.70 -13.03
C MET A 245 -0.59 6.09 -13.10
N LEU A 246 -0.18 6.67 -11.95
CA LEU A 246 0.57 7.94 -12.01
C LEU A 246 1.85 7.79 -12.84
N ASP A 247 2.56 6.69 -12.68
CA ASP A 247 3.78 6.49 -13.49
C ASP A 247 3.45 6.28 -14.96
N MET A 248 2.41 5.49 -15.24
CA MET A 248 2.02 5.27 -16.63
C MET A 248 1.58 6.54 -17.33
N ALA A 249 0.79 7.38 -16.66
CA ALA A 249 0.40 8.67 -17.23
C ALA A 249 1.60 9.55 -17.52
N GLU A 250 2.54 9.63 -16.59
CA GLU A 250 3.74 10.43 -16.80
C GLU A 250 4.56 9.90 -17.97
N CYS A 251 4.75 8.58 -18.04
CA CYS A 251 5.68 8.02 -19.03
C CYS A 251 5.05 7.81 -20.41
N GLU A 252 3.77 7.46 -20.48
CA GLU A 252 3.10 7.12 -21.73
C GLU A 252 1.98 8.06 -22.14
N GLY A 253 1.45 8.87 -21.23
CA GLY A 253 0.29 9.71 -21.53
C GLY A 253 -0.98 8.95 -21.73
N VAL A 254 -1.06 7.74 -21.17
CA VAL A 254 -2.27 6.94 -21.18
C VAL A 254 -2.40 6.33 -19.79
N VAL A 255 -3.61 5.91 -19.45
CA VAL A 255 -3.84 5.15 -18.22
C VAL A 255 -4.70 3.94 -18.55
N ASP A 256 -4.47 2.84 -17.83
CA ASP A 256 -5.23 1.61 -18.06
C ASP A 256 -5.68 1.04 -16.71
N ILE A 257 -6.59 1.78 -16.08
CA ILE A 257 -7.05 1.44 -14.72
C ILE A 257 -7.71 0.07 -14.69
N TYR A 258 -8.53 -0.22 -15.70
CA TYR A 258 -9.25 -1.49 -15.75
C TYR A 258 -8.31 -2.68 -15.67
N ASN A 259 -7.33 -2.74 -16.57
CA ASN A 259 -6.41 -3.87 -16.54
C ASN A 259 -5.50 -3.87 -15.31
N CYS A 260 -5.15 -2.69 -14.78
CA CYS A 260 -4.39 -2.65 -13.54
C CYS A 260 -5.15 -3.30 -12.37
N VAL A 261 -6.40 -2.91 -12.18
CA VAL A 261 -7.21 -3.52 -11.14
C VAL A 261 -7.43 -5.01 -11.42
N LYS A 262 -7.67 -5.39 -12.67
CA LYS A 262 -7.84 -6.80 -13.00
C LYS A 262 -6.61 -7.63 -12.61
N THR A 263 -5.42 -7.11 -12.90
CA THR A 263 -4.19 -7.78 -12.49
C THR A 263 -4.11 -7.90 -10.97
N LEU A 264 -4.56 -6.86 -10.27
CA LEU A 264 -4.59 -6.83 -8.81
C LEU A 264 -5.47 -7.93 -8.20
N CYS A 265 -6.61 -8.27 -8.83
CA CYS A 265 -7.40 -9.44 -8.39
C CYS A 265 -6.61 -10.73 -8.36
N SER A 266 -5.78 -10.96 -9.36
CA SER A 266 -5.06 -12.23 -9.48
C SER A 266 -3.98 -12.39 -8.41
N ARG A 267 -3.49 -11.29 -7.87
CA ARG A 267 -2.29 -11.25 -7.04
C ARG A 267 -2.54 -11.39 -5.55
N ARG A 268 -3.66 -10.87 -5.04
CA ARG A 268 -3.86 -10.84 -3.59
C ARG A 268 -5.33 -10.62 -3.27
N VAL A 269 -5.65 -10.76 -1.97
CA VAL A 269 -6.86 -10.26 -1.35
C VAL A 269 -6.85 -8.73 -1.18
N ASN A 270 -5.88 -8.07 -1.80
CA ASN A 270 -5.79 -6.61 -1.83
C ASN A 270 -6.76 -5.93 -2.84
N MET A 271 -8.03 -6.30 -2.81
CA MET A 271 -8.89 -6.00 -3.94
C MET A 271 -9.77 -4.79 -3.59
N ILE A 272 -9.88 -3.88 -4.55
CA ILE A 272 -10.80 -2.74 -4.48
C ILE A 272 -12.16 -3.14 -3.94
N GLN A 273 -12.55 -2.61 -2.79
CA GLN A 273 -13.69 -3.17 -2.07
C GLN A 273 -15.05 -2.61 -2.49
N THR A 274 -15.12 -1.45 -3.15
CA THR A 274 -16.40 -0.85 -3.51
C THR A 274 -16.32 -0.22 -4.91
N GLU A 275 -17.49 -0.11 -5.53
CA GLU A 275 -17.61 0.71 -6.74
C GLU A 275 -17.21 2.17 -6.50
N GLU A 276 -17.50 2.71 -5.33
CA GLU A 276 -17.09 4.08 -5.02
C GLU A 276 -15.59 4.26 -5.05
N GLN A 277 -14.83 3.30 -4.50
CA GLN A 277 -13.36 3.32 -4.62
C GLN A 277 -12.90 3.26 -6.05
N TYR A 278 -13.54 2.40 -6.86
CA TYR A 278 -13.15 2.31 -8.26
C TYR A 278 -13.33 3.65 -8.96
N ILE A 279 -14.44 4.34 -8.71
CA ILE A 279 -14.65 5.67 -9.28
C ILE A 279 -13.64 6.67 -8.74
N PHE A 280 -13.42 6.64 -7.43
CA PHE A 280 -12.43 7.55 -6.84
C PHE A 280 -11.05 7.40 -7.47
N ILE A 281 -10.63 6.17 -7.80
CA ILE A 281 -9.35 5.99 -8.50
C ILE A 281 -9.34 6.81 -9.79
N HIS A 282 -10.44 6.80 -10.52
CA HIS A 282 -10.51 7.62 -11.74
C HIS A 282 -10.45 9.10 -11.44
N ASP A 283 -11.21 9.55 -10.41
CA ASP A 283 -11.22 10.97 -10.06
C ASP A 283 -9.85 11.44 -9.60
N ALA A 284 -9.14 10.60 -8.86
CA ALA A 284 -7.78 10.96 -8.41
C ALA A 284 -6.76 11.04 -9.55
N ILE A 285 -6.78 10.09 -10.48
CA ILE A 285 -5.86 10.19 -11.62
C ILE A 285 -6.19 11.42 -12.46
N LEU A 286 -7.48 11.71 -12.66
CA LEU A 286 -7.87 12.92 -13.38
C LEU A 286 -7.23 14.16 -12.75
N GLU A 287 -7.32 14.28 -11.43
CA GLU A 287 -6.73 15.42 -10.75
C GLU A 287 -5.22 15.49 -10.93
N ALA A 288 -4.54 14.35 -10.84
CA ALA A 288 -3.08 14.31 -11.02
C ALA A 288 -2.64 14.67 -12.42
N CYS A 289 -3.49 14.44 -13.42
CA CYS A 289 -3.18 14.74 -14.82
C CYS A 289 -3.39 16.20 -15.23
N LEU A 290 -3.87 17.08 -14.35
CA LEU A 290 -3.97 18.50 -14.73
C LEU A 290 -2.60 19.16 -14.85
CL CL B . -3.44 6.21 14.42
CL CL C . 15.45 -14.04 8.29
#